data_1UUO
#
_entry.id   1UUO
#
_cell.length_a   49.753
_cell.length_b   95.801
_cell.length_c   144.469
_cell.angle_alpha   90.00
_cell.angle_beta   90.00
_cell.angle_gamma   90.00
#
_symmetry.space_group_name_H-M   'C 2 2 21'
#
loop_
_entity.id
_entity.type
_entity.pdbx_description
1 polymer 'DIHYDROOROTATE DEHYDROGENASE'
2 non-polymer "6-FLUORO-2-(2'-FLUORO-1,1'-BIPHENYL-4-YL)-3-METHYLQUINOLINE-4-CARBOXYLIC ACID"
3 non-polymer 'FLAVIN MONONUCLEOTIDE'
4 non-polymer 'OROTIC ACID'
5 non-polymer 'NICKEL (II) ION'
6 non-polymer 'SODIUM ION'
7 water water
#
_entity_poly.entity_id   1
_entity_poly.type   'polypeptide(L)'
_entity_poly.pdbx_seq_one_letter_code
;HHHHHHATGDDHFYAEYLMPGLQRLLDPESAHRLAVRVTSLGLLPRATFQDSDMLEVKVLGHKFRNPVGIAAGFDKNGEA
VDGLYKLGFGFVEVGSVTPQPQEGNPRPRVFRLPEDQAVINRYGFNSHGLSVVEHRLRARQQKQAQLTADGLPLGINLGK
NKTSEDAAADYAEGVRTLGPLADYLVVNVSSPNTAGLRSLQGKTELRHLLSKVLQERDALKGTRKPAVLVKIAPDLTAQD
KEDIASVARELGIDGLIVTNTTVSRPVGLQGALRSETGGLSGKPLRDLSTQTIREMYALTQGRIPIIGVGGVSSGQDALE
KIQAGASLVQLYTALIFLGPPVVVRVKRELEALLKERGFTTVTDAIGADHRR
;
_entity_poly.pdbx_strand_id   A
#
loop_
_chem_comp.id
_chem_comp.type
_chem_comp.name
_chem_comp.formula
BRF non-polymer '6-FLUORO-2-(2'-FLUORO-1,1'-BIPHENYL-4-YL)-3-METHYLQUINOLINE-4-CARBOXYLIC ACID' 'C23 H15 F2 N O2'
FMN non-polymer 'FLAVIN MONONUCLEOTIDE' 'C17 H21 N4 O9 P'
NA non-polymer 'SODIUM ION' 'Na 1'
NI non-polymer 'NICKEL (II) ION' 'Ni 2'
ORO non-polymer 'OROTIC ACID' 'C5 H4 N2 O4'
#
# COMPACT_ATOMS: atom_id res chain seq x y z
N ASP A 10 -17.24 -13.46 11.38
CA ASP A 10 -16.75 -14.86 11.11
C ASP A 10 -16.22 -15.02 9.67
N ASP A 11 -15.02 -15.57 9.58
CA ASP A 11 -14.33 -15.79 8.31
C ASP A 11 -15.11 -16.59 7.27
N HIS A 12 -15.81 -17.64 7.71
CA HIS A 12 -16.57 -18.51 6.80
C HIS A 12 -17.75 -17.82 6.14
N PHE A 13 -18.54 -17.07 6.90
CA PHE A 13 -19.70 -16.39 6.34
C PHE A 13 -19.33 -15.44 5.22
N TYR A 14 -18.25 -14.68 5.42
CA TYR A 14 -17.81 -13.73 4.42
C TYR A 14 -17.23 -14.36 3.16
N ALA A 15 -16.37 -15.35 3.34
CA ALA A 15 -15.71 -16.02 2.23
C ALA A 15 -16.64 -16.89 1.39
N GLU A 16 -17.53 -17.63 2.06
CA GLU A 16 -18.44 -18.51 1.37
C GLU A 16 -19.76 -17.90 0.89
N TYR A 17 -20.28 -16.92 1.63
CA TYR A 17 -21.56 -16.32 1.25
C TYR A 17 -21.58 -14.84 0.87
N LEU A 18 -21.30 -13.96 1.83
CA LEU A 18 -21.34 -12.52 1.58
C LEU A 18 -20.56 -12.04 0.35
N MET A 19 -19.23 -12.12 0.40
CA MET A 19 -18.40 -11.68 -0.72
C MET A 19 -18.83 -12.33 -2.03
N PRO A 20 -19.09 -13.65 -2.03
CA PRO A 20 -19.50 -14.29 -3.27
C PRO A 20 -20.85 -13.72 -3.73
N GLY A 21 -21.72 -13.42 -2.78
CA GLY A 21 -23.02 -12.86 -3.10
C GLY A 21 -22.91 -11.51 -3.79
N LEU A 22 -22.04 -10.66 -3.26
CA LEU A 22 -21.80 -9.33 -3.82
C LEU A 22 -21.19 -9.43 -5.21
N GLN A 23 -20.33 -10.42 -5.40
CA GLN A 23 -19.66 -10.61 -6.68
C GLN A 23 -20.58 -11.04 -7.82
N ARG A 24 -21.71 -11.63 -7.49
CA ARG A 24 -22.66 -12.04 -8.52
C ARG A 24 -23.69 -10.96 -8.79
N LEU A 25 -23.85 -10.06 -7.82
CA LEU A 25 -24.81 -8.98 -7.94
C LEU A 25 -24.21 -7.72 -8.57
N LEU A 26 -22.88 -7.55 -8.45
CA LEU A 26 -22.23 -6.34 -8.96
C LEU A 26 -20.94 -6.58 -9.72
N ASP A 27 -20.57 -5.62 -10.54
CA ASP A 27 -19.31 -5.67 -11.30
C ASP A 27 -18.30 -5.14 -10.29
N PRO A 28 -17.03 -5.53 -10.43
CA PRO A 28 -15.97 -5.09 -9.51
C PRO A 28 -15.86 -3.60 -9.16
N GLU A 29 -15.98 -2.71 -10.15
CA GLU A 29 -15.87 -1.29 -9.86
C GLU A 29 -17.05 -0.79 -9.03
N SER A 30 -18.23 -1.35 -9.28
CA SER A 30 -19.43 -0.96 -8.52
C SER A 30 -19.28 -1.43 -7.09
N ALA A 31 -18.78 -2.65 -6.94
CA ALA A 31 -18.57 -3.23 -5.62
C ALA A 31 -17.54 -2.38 -4.86
N HIS A 32 -16.48 -1.98 -5.56
CA HIS A 32 -15.42 -1.16 -4.96
C HIS A 32 -16.04 0.11 -4.35
N ARG A 33 -16.86 0.82 -5.13
CA ARG A 33 -17.51 2.03 -4.65
C ARG A 33 -18.42 1.72 -3.47
N LEU A 34 -19.12 0.60 -3.53
CA LEU A 34 -20.00 0.20 -2.44
C LEU A 34 -19.19 -0.13 -1.19
N ALA A 35 -18.05 -0.76 -1.39
CA ALA A 35 -17.18 -1.11 -0.29
C ALA A 35 -16.78 0.17 0.45
N VAL A 36 -16.41 1.20 -0.31
CA VAL A 36 -16.01 2.47 0.29
C VAL A 36 -17.15 3.13 1.08
N ARG A 37 -18.36 3.17 0.51
CA ARG A 37 -19.51 3.76 1.21
C ARG A 37 -19.68 3.08 2.55
N VAL A 38 -19.88 1.76 2.50
CA VAL A 38 -20.09 0.96 3.70
C VAL A 38 -19.01 1.13 4.75
N THR A 39 -17.75 1.22 4.30
CA THR A 39 -16.63 1.36 5.22
C THR A 39 -16.57 2.73 5.89
N SER A 40 -16.90 3.77 5.13
CA SER A 40 -16.86 5.13 5.66
C SER A 40 -18.00 5.39 6.65
N LEU A 41 -19.09 4.62 6.55
CA LEU A 41 -20.23 4.81 7.45
C LEU A 41 -20.08 4.07 8.78
N GLY A 42 -19.08 3.20 8.87
CA GLY A 42 -18.83 2.48 10.10
C GLY A 42 -19.79 1.36 10.46
N LEU A 43 -20.57 0.86 9.51
CA LEU A 43 -21.48 -0.25 9.79
C LEU A 43 -20.58 -1.48 9.75
N LEU A 44 -19.53 -1.47 10.57
CA LEU A 44 -18.56 -2.55 10.56
C LEU A 44 -18.68 -3.63 11.65
N PRO A 45 -18.05 -3.45 12.83
CA PRO A 45 -18.16 -4.49 13.87
C PRO A 45 -19.58 -4.96 14.15
N GLN A 50 -7.64 -7.40 19.94
CA GLN A 50 -6.87 -6.34 20.58
C GLN A 50 -5.38 -6.51 20.29
N ASP A 51 -4.78 -5.46 19.74
CA ASP A 51 -3.37 -5.48 19.38
C ASP A 51 -2.41 -5.62 20.57
N SER A 52 -1.68 -6.73 20.61
CA SER A 52 -0.71 -6.95 21.68
C SER A 52 0.48 -6.02 21.42
N ASP A 53 1.47 -6.06 22.30
CA ASP A 53 2.64 -5.20 22.13
C ASP A 53 3.63 -5.84 21.16
N MET A 54 3.47 -7.14 20.95
CA MET A 54 4.33 -7.90 20.04
C MET A 54 4.29 -7.36 18.62
N LEU A 55 3.11 -6.93 18.19
CA LEU A 55 2.89 -6.42 16.83
C LEU A 55 3.33 -4.97 16.64
N GLU A 56 3.58 -4.27 17.75
CA GLU A 56 4.00 -2.88 17.67
C GLU A 56 5.30 -2.69 16.91
N VAL A 57 5.29 -1.77 15.95
CA VAL A 57 6.48 -1.49 15.17
C VAL A 57 6.79 0.00 15.10
N LYS A 58 8.02 0.35 15.43
CA LYS A 58 8.46 1.74 15.37
C LYS A 58 9.39 1.83 14.16
N VAL A 59 9.01 2.68 13.22
CA VAL A 59 9.77 2.86 12.01
C VAL A 59 9.23 4.10 11.32
N LEU A 60 10.03 4.69 10.44
CA LEU A 60 9.64 5.90 9.71
C LEU A 60 9.29 7.04 10.68
N GLY A 61 9.90 7.02 11.86
CA GLY A 61 9.66 8.06 12.84
C GLY A 61 8.30 8.00 13.50
N HIS A 62 7.59 6.90 13.30
CA HIS A 62 6.25 6.75 13.87
C HIS A 62 6.08 5.41 14.55
N LYS A 63 4.99 5.29 15.29
CA LYS A 63 4.65 4.07 16.01
C LYS A 63 3.43 3.44 15.37
N PHE A 64 3.50 2.13 15.11
CA PHE A 64 2.38 1.42 14.52
C PHE A 64 1.97 0.32 15.50
N ARG A 65 0.73 0.36 15.97
CA ARG A 65 0.24 -0.65 16.92
C ARG A 65 0.32 -2.06 16.32
N ASN A 66 0.06 -2.17 15.03
CA ASN A 66 0.17 -3.45 14.34
C ASN A 66 0.73 -3.17 12.94
N PRO A 67 1.48 -4.13 12.38
CA PRO A 67 2.10 -3.98 11.06
C PRO A 67 1.28 -4.22 9.80
N VAL A 68 -0.05 -4.36 9.92
CA VAL A 68 -0.89 -4.61 8.75
C VAL A 68 -1.70 -3.40 8.29
N GLY A 69 -1.31 -2.81 7.18
CA GLY A 69 -2.04 -1.66 6.68
C GLY A 69 -2.84 -1.95 5.44
N ILE A 70 -3.76 -1.05 5.11
CA ILE A 70 -4.55 -1.18 3.90
C ILE A 70 -3.76 -0.44 2.83
N ALA A 71 -3.44 -1.16 1.75
CA ALA A 71 -2.67 -0.62 0.63
C ALA A 71 -3.40 0.46 -0.16
N ALA A 72 -2.63 1.27 -0.88
CA ALA A 72 -3.20 2.35 -1.67
C ALA A 72 -4.07 1.75 -2.76
N GLY A 73 -5.09 2.49 -3.17
CA GLY A 73 -5.95 1.98 -4.22
C GLY A 73 -7.36 1.67 -3.77
N PHE A 74 -7.54 1.44 -2.47
CA PHE A 74 -8.87 1.14 -1.95
C PHE A 74 -9.60 2.44 -1.70
N ASP A 75 -9.01 3.32 -0.89
CA ASP A 75 -9.60 4.62 -0.57
C ASP A 75 -8.80 5.69 -1.31
N LYS A 76 -9.05 5.80 -2.61
CA LYS A 76 -8.34 6.77 -3.44
C LYS A 76 -8.53 8.24 -3.05
N ASN A 77 -9.72 8.60 -2.56
CA ASN A 77 -10.00 9.99 -2.23
C ASN A 77 -10.21 10.31 -0.73
N GLY A 78 -9.68 9.45 0.14
CA GLY A 78 -9.81 9.68 1.57
C GLY A 78 -11.24 9.86 2.05
N GLU A 79 -12.11 8.91 1.69
CA GLU A 79 -13.51 8.96 2.08
C GLU A 79 -13.84 8.00 3.21
N ALA A 80 -13.01 6.97 3.41
CA ALA A 80 -13.25 5.98 4.46
C ALA A 80 -12.11 5.70 5.41
N VAL A 81 -11.26 6.70 5.64
CA VAL A 81 -10.11 6.52 6.54
C VAL A 81 -10.51 5.94 7.89
N ASP A 82 -11.36 6.65 8.64
CA ASP A 82 -11.78 6.19 9.95
C ASP A 82 -12.43 4.81 9.92
N GLY A 83 -13.20 4.51 8.89
CA GLY A 83 -13.83 3.20 8.79
C GLY A 83 -12.77 2.11 8.65
N LEU A 84 -11.71 2.42 7.93
CA LEU A 84 -10.62 1.47 7.71
C LEU A 84 -9.86 1.11 8.98
N TYR A 85 -9.53 2.12 9.79
CA TYR A 85 -8.85 1.88 11.06
C TYR A 85 -9.78 1.00 11.89
N LYS A 86 -11.09 1.27 11.79
CA LYS A 86 -12.07 0.51 12.54
C LYS A 86 -12.06 -0.97 12.15
N LEU A 87 -11.67 -1.26 10.91
CA LEU A 87 -11.61 -2.64 10.47
C LEU A 87 -10.41 -3.36 11.08
N GLY A 88 -9.54 -2.62 11.76
CA GLY A 88 -8.38 -3.22 12.39
C GLY A 88 -7.00 -2.91 11.83
N PHE A 89 -6.95 -2.07 10.79
CA PHE A 89 -5.66 -1.73 10.17
C PHE A 89 -4.73 -0.89 11.06
N GLY A 90 -3.44 -1.23 11.05
CA GLY A 90 -2.44 -0.51 11.82
C GLY A 90 -2.14 0.84 11.19
N PHE A 91 -2.41 0.93 9.90
CA PHE A 91 -2.20 2.18 9.16
C PHE A 91 -3.02 2.18 7.88
N VAL A 92 -3.36 3.38 7.43
CA VAL A 92 -4.15 3.55 6.22
C VAL A 92 -3.39 4.37 5.20
N GLU A 93 -3.38 3.91 3.95
CA GLU A 93 -2.71 4.66 2.91
C GLU A 93 -3.78 5.10 1.92
N VAL A 94 -3.90 6.42 1.80
CA VAL A 94 -4.86 7.05 0.93
C VAL A 94 -4.39 7.22 -0.50
N GLY A 95 -5.47 7.07 -1.30
CA GLY A 95 -5.57 7.12 -2.74
C GLY A 95 -4.50 6.51 -3.64
N SER A 96 -3.93 7.48 -4.34
CA SER A 96 -2.92 7.70 -5.37
C SER A 96 -3.84 8.87 -5.72
N VAL A 97 -3.37 10.05 -5.29
CA VAL A 97 -4.13 11.26 -5.48
C VAL A 97 -3.41 12.07 -6.54
N THR A 98 -4.13 12.62 -7.50
CA THR A 98 -3.50 13.43 -8.53
C THR A 98 -3.83 14.91 -8.28
N PRO A 99 -2.93 15.82 -8.69
CA PRO A 99 -3.11 17.28 -8.52
C PRO A 99 -4.49 17.73 -9.01
N GLN A 100 -4.76 17.54 -10.30
CA GLN A 100 -6.05 17.90 -10.85
C GLN A 100 -6.92 16.66 -10.87
N PRO A 101 -8.25 16.83 -10.99
CA PRO A 101 -9.11 15.65 -11.02
C PRO A 101 -8.99 15.00 -12.39
N GLN A 102 -9.09 13.68 -12.46
CA GLN A 102 -9.05 13.01 -13.74
C GLN A 102 -9.90 11.77 -13.66
N GLU A 103 -10.65 11.50 -14.72
CA GLU A 103 -11.55 10.36 -14.75
C GLU A 103 -10.88 8.99 -14.85
N GLY A 104 -9.71 8.94 -15.48
CA GLY A 104 -9.02 7.67 -15.62
C GLY A 104 -9.41 6.94 -16.89
N ASN A 105 -8.96 5.69 -17.02
CA ASN A 105 -9.26 4.91 -18.21
C ASN A 105 -10.75 4.57 -18.38
N PRO A 106 -11.18 4.39 -19.64
CA PRO A 106 -12.59 4.06 -19.90
C PRO A 106 -12.94 2.67 -19.40
N ARG A 107 -14.19 2.51 -18.97
CA ARG A 107 -14.68 1.24 -18.44
C ARG A 107 -15.11 0.24 -19.53
N PRO A 108 -15.10 -1.06 -19.20
CA PRO A 108 -14.72 -1.63 -17.91
C PRO A 108 -13.22 -1.53 -17.71
N ARG A 109 -12.79 -1.38 -16.45
CA ARG A 109 -11.37 -1.26 -16.14
C ARG A 109 -10.94 -2.05 -14.91
N VAL A 110 -11.86 -2.85 -14.37
CA VAL A 110 -11.55 -3.68 -13.21
C VAL A 110 -12.07 -5.08 -13.51
N PHE A 111 -11.22 -6.10 -13.35
CA PHE A 111 -11.63 -7.47 -13.64
C PHE A 111 -11.31 -8.47 -12.54
N ARG A 112 -12.26 -9.35 -12.29
CA ARG A 112 -12.16 -10.35 -11.23
C ARG A 112 -11.67 -11.72 -11.70
N LEU A 113 -10.72 -12.27 -10.96
CA LEU A 113 -10.17 -13.60 -11.23
C LEU A 113 -10.36 -14.39 -9.94
N PRO A 114 -11.59 -14.82 -9.64
CA PRO A 114 -11.97 -15.59 -8.45
C PRO A 114 -11.14 -16.85 -8.21
N GLU A 115 -11.05 -17.69 -9.22
CA GLU A 115 -10.28 -18.93 -9.10
C GLU A 115 -8.83 -18.69 -8.76
N ASP A 116 -8.33 -17.49 -9.08
CA ASP A 116 -6.93 -17.17 -8.80
C ASP A 116 -6.83 -16.30 -7.55
N GLN A 117 -7.97 -15.90 -7.00
CA GLN A 117 -7.99 -15.03 -5.83
C GLN A 117 -7.20 -13.79 -6.26
N ALA A 118 -7.43 -13.38 -7.50
CA ALA A 118 -6.72 -12.22 -8.04
C ALA A 118 -7.65 -11.23 -8.71
N VAL A 119 -7.09 -10.06 -9.02
CA VAL A 119 -7.82 -9.00 -9.69
C VAL A 119 -6.89 -8.37 -10.71
N ILE A 120 -7.46 -7.68 -11.68
CA ILE A 120 -6.67 -6.99 -12.68
C ILE A 120 -7.34 -5.64 -12.86
N ASN A 121 -6.58 -4.56 -12.70
CA ASN A 121 -7.16 -3.24 -12.85
C ASN A 121 -6.31 -2.35 -13.73
N ARG A 122 -6.99 -1.44 -14.42
CA ARG A 122 -6.34 -0.44 -15.26
C ARG A 122 -7.13 0.86 -15.09
N TYR A 123 -7.37 1.19 -13.84
CA TYR A 123 -8.09 2.39 -13.45
C TYR A 123 -7.55 3.64 -14.13
N GLY A 124 -6.24 3.77 -14.18
CA GLY A 124 -5.62 4.93 -14.80
C GLY A 124 -5.61 6.15 -13.88
N PHE A 125 -5.58 5.91 -12.57
CA PHE A 125 -5.55 6.97 -11.58
C PHE A 125 -6.79 7.86 -11.56
N ASN A 126 -7.96 7.25 -11.44
CA ASN A 126 -9.22 7.98 -11.37
C ASN A 126 -9.11 8.66 -10.01
N SER A 127 -9.10 9.99 -10.01
CA SER A 127 -8.94 10.72 -8.77
C SER A 127 -9.75 12.00 -8.65
N HIS A 128 -10.10 12.35 -7.42
CA HIS A 128 -10.86 13.57 -7.14
C HIS A 128 -9.95 14.80 -7.17
N GLY A 129 -8.68 14.61 -6.83
CA GLY A 129 -7.74 15.72 -6.84
C GLY A 129 -7.27 16.16 -5.47
N LEU A 130 -6.17 16.91 -5.44
CA LEU A 130 -5.62 17.40 -4.18
C LEU A 130 -6.58 18.27 -3.39
N SER A 131 -7.21 19.23 -4.06
CA SER A 131 -8.16 20.13 -3.40
C SER A 131 -9.21 19.38 -2.58
N VAL A 132 -9.87 18.42 -3.22
CA VAL A 132 -10.91 17.63 -2.56
C VAL A 132 -10.37 16.77 -1.41
N VAL A 133 -9.31 16.01 -1.66
CA VAL A 133 -8.75 15.14 -0.62
C VAL A 133 -8.22 15.97 0.54
N GLU A 134 -7.60 17.11 0.23
CA GLU A 134 -7.05 17.97 1.26
C GLU A 134 -8.18 18.49 2.13
N HIS A 135 -9.27 18.90 1.50
CA HIS A 135 -10.41 19.41 2.24
C HIS A 135 -10.94 18.32 3.19
N ARG A 136 -11.15 17.12 2.65
CA ARG A 136 -11.64 15.99 3.46
C ARG A 136 -10.71 15.68 4.62
N LEU A 137 -9.42 15.52 4.33
CA LEU A 137 -8.44 15.19 5.36
C LEU A 137 -8.29 16.27 6.42
N ARG A 138 -8.42 17.54 6.03
CA ARG A 138 -8.30 18.61 7.02
C ARG A 138 -9.49 18.59 7.95
N ALA A 139 -10.64 18.20 7.42
CA ALA A 139 -11.86 18.14 8.20
C ALA A 139 -11.73 17.15 9.36
N ARG A 140 -10.82 16.18 9.23
CA ARG A 140 -10.62 15.19 10.29
C ARG A 140 -9.22 15.22 10.84
N GLN A 141 -8.48 16.27 10.49
CA GLN A 141 -7.09 16.44 10.93
C GLN A 141 -6.89 16.26 12.43
N GLN A 142 -7.85 16.72 13.21
CA GLN A 142 -7.80 16.64 14.66
C GLN A 142 -7.91 15.20 15.14
N LYS A 143 -8.87 14.48 14.59
CA LYS A 143 -9.10 13.08 14.92
C LYS A 143 -7.88 12.23 14.55
N GLN A 144 -7.33 12.52 13.36
CA GLN A 144 -6.16 11.80 12.88
C GLN A 144 -4.94 12.09 13.76
N ALA A 145 -4.87 13.32 14.27
CA ALA A 145 -3.76 13.72 15.14
C ALA A 145 -3.74 12.75 16.32
N GLN A 146 -4.91 12.50 16.88
CA GLN A 146 -5.06 11.59 18.01
C GLN A 146 -4.69 10.17 17.56
N LEU A 147 -5.23 9.76 16.41
CA LEU A 147 -4.97 8.43 15.85
C LEU A 147 -3.46 8.18 15.71
N THR A 148 -2.78 9.12 15.05
CA THR A 148 -1.34 9.02 14.86
C THR A 148 -0.64 8.82 16.22
N ALA A 149 -0.98 9.67 17.18
CA ALA A 149 -0.40 9.60 18.52
C ALA A 149 -0.60 8.21 19.13
N ASP A 150 -1.67 7.54 18.74
CA ASP A 150 -1.99 6.21 19.24
C ASP A 150 -1.43 5.05 18.42
N GLY A 151 -0.50 5.32 17.52
CA GLY A 151 0.07 4.26 16.71
C GLY A 151 -0.77 3.83 15.51
N LEU A 152 -1.51 4.77 14.94
CA LEU A 152 -2.33 4.50 13.75
C LEU A 152 -2.04 5.60 12.73
N PRO A 153 -0.83 5.58 12.15
CA PRO A 153 -0.37 6.56 11.16
C PRO A 153 -1.18 6.56 9.87
N LEU A 154 -1.10 7.68 9.16
CA LEU A 154 -1.78 7.87 7.90
C LEU A 154 -0.75 8.10 6.81
N GLY A 155 -0.90 7.38 5.71
CA GLY A 155 0.01 7.54 4.60
C GLY A 155 -0.79 8.10 3.45
N ILE A 156 -0.12 8.86 2.59
CA ILE A 156 -0.77 9.44 1.42
C ILE A 156 0.09 9.13 0.20
N ASN A 157 -0.50 8.44 -0.77
CA ASN A 157 0.19 8.06 -2.00
C ASN A 157 -0.07 9.14 -3.05
N LEU A 158 0.99 9.84 -3.47
CA LEU A 158 0.88 10.92 -4.46
C LEU A 158 1.10 10.49 -5.91
N GLY A 159 0.17 10.87 -6.77
CA GLY A 159 0.29 10.53 -8.18
C GLY A 159 0.49 11.76 -9.04
N LYS A 160 0.40 11.57 -10.35
CA LYS A 160 0.55 12.69 -11.29
C LYS A 160 -0.52 12.55 -12.35
N ASN A 161 -0.92 13.68 -12.94
CA ASN A 161 -1.94 13.63 -13.97
C ASN A 161 -1.41 13.06 -15.28
N LYS A 162 -2.31 12.41 -16.01
CA LYS A 162 -2.02 11.77 -17.27
C LYS A 162 -1.41 12.74 -18.29
N THR A 163 -1.95 13.95 -18.34
CA THR A 163 -1.48 14.95 -19.28
C THR A 163 -0.49 15.96 -18.71
N SER A 164 -0.24 15.90 -17.40
CA SER A 164 0.69 16.83 -16.77
C SER A 164 2.01 16.86 -17.54
N GLU A 165 2.64 18.01 -17.60
CA GLU A 165 3.92 18.14 -18.31
C GLU A 165 5.13 17.94 -17.40
N ASP A 166 5.02 18.35 -16.15
CA ASP A 166 6.13 18.20 -15.22
C ASP A 166 5.79 17.22 -14.09
N ALA A 167 6.27 15.99 -14.21
CA ALA A 167 6.01 14.97 -13.20
C ALA A 167 6.44 15.45 -11.80
N ALA A 168 7.66 15.93 -11.70
CA ALA A 168 8.21 16.43 -10.44
C ALA A 168 7.36 17.55 -9.89
N ALA A 169 6.88 18.44 -10.75
CA ALA A 169 6.04 19.55 -10.32
C ALA A 169 4.72 19.02 -9.75
N ASP A 170 4.19 17.96 -10.37
CA ASP A 170 2.94 17.36 -9.90
C ASP A 170 3.11 16.80 -8.49
N TYR A 171 4.13 15.98 -8.29
CA TYR A 171 4.40 15.39 -6.99
C TYR A 171 4.71 16.45 -5.93
N ALA A 172 5.60 17.38 -6.28
CA ALA A 172 5.99 18.44 -5.37
C ALA A 172 4.73 19.16 -4.86
N GLU A 173 3.80 19.43 -5.78
CA GLU A 173 2.54 20.08 -5.39
C GLU A 173 1.76 19.19 -4.42
N GLY A 174 1.91 17.88 -4.57
CA GLY A 174 1.22 16.95 -3.68
C GLY A 174 1.83 17.04 -2.29
N VAL A 175 3.15 17.20 -2.26
CA VAL A 175 3.89 17.32 -1.00
C VAL A 175 3.47 18.58 -0.25
N ARG A 176 3.36 19.69 -0.96
CA ARG A 176 2.96 20.96 -0.35
C ARG A 176 1.54 20.95 0.18
N THR A 177 0.64 20.40 -0.61
CA THR A 177 -0.78 20.36 -0.25
C THR A 177 -1.16 19.29 0.79
N LEU A 178 -0.57 18.11 0.70
CA LEU A 178 -0.93 17.04 1.63
C LEU A 178 0.16 16.65 2.61
N GLY A 179 1.35 17.24 2.44
CA GLY A 179 2.44 16.97 3.35
C GLY A 179 2.06 17.34 4.77
N PRO A 180 1.38 18.48 4.99
CA PRO A 180 0.98 18.89 6.34
C PRO A 180 0.02 17.90 7.00
N LEU A 181 -0.66 17.14 6.16
CA LEU A 181 -1.65 16.17 6.64
C LEU A 181 -1.18 14.73 6.72
N ALA A 182 -0.02 14.42 6.13
CA ALA A 182 0.48 13.05 6.11
C ALA A 182 1.52 12.68 7.15
N ASP A 183 1.50 11.41 7.57
CA ASP A 183 2.48 10.91 8.51
C ASP A 183 3.65 10.45 7.63
N TYR A 184 3.31 9.98 6.43
CA TYR A 184 4.30 9.58 5.44
C TYR A 184 3.69 9.76 4.06
N LEU A 185 4.56 10.01 3.08
CA LEU A 185 4.12 10.20 1.70
C LEU A 185 4.71 9.13 0.81
N VAL A 186 4.03 8.81 -0.29
CA VAL A 186 4.52 7.80 -1.22
C VAL A 186 4.51 8.28 -2.67
N VAL A 187 5.66 8.17 -3.33
CA VAL A 187 5.75 8.55 -4.73
C VAL A 187 5.78 7.26 -5.54
N ASN A 188 4.93 7.17 -6.56
CA ASN A 188 4.90 5.98 -7.42
C ASN A 188 5.88 6.09 -8.58
N VAL A 189 6.27 4.94 -9.07
CA VAL A 189 7.18 4.82 -10.19
C VAL A 189 6.87 3.40 -10.60
N SER A 190 5.65 2.96 -10.25
CA SER A 190 5.21 1.59 -10.48
C SER A 190 3.83 1.32 -11.08
N SER A 191 2.97 2.33 -11.16
CA SER A 191 1.64 2.12 -11.73
C SER A 191 1.69 1.54 -13.15
N PRO A 192 0.99 0.41 -13.39
CA PRO A 192 1.00 -0.18 -14.72
C PRO A 192 0.27 0.71 -15.72
N GLN A 201 13.70 6.41 -19.24
CA GLN A 201 13.92 6.76 -17.83
C GLN A 201 15.12 6.02 -17.25
N GLY A 202 16.00 6.78 -16.63
CA GLY A 202 17.18 6.17 -16.04
C GLY A 202 17.41 6.55 -14.59
N LYS A 203 18.62 6.25 -14.12
CA LYS A 203 19.02 6.53 -12.76
C LYS A 203 19.09 8.03 -12.53
N THR A 204 19.27 8.78 -13.61
CA THR A 204 19.36 10.23 -13.52
C THR A 204 17.99 10.89 -13.44
N GLU A 205 17.07 10.44 -14.29
CA GLU A 205 15.72 10.99 -14.28
C GLU A 205 15.03 10.69 -12.96
N LEU A 206 15.35 9.55 -12.36
CA LEU A 206 14.77 9.15 -11.08
C LEU A 206 15.33 10.03 -9.97
N ARG A 207 16.65 10.23 -10.00
CA ARG A 207 17.33 11.04 -9.01
C ARG A 207 16.84 12.50 -8.97
N HIS A 208 16.51 13.05 -10.13
CA HIS A 208 16.03 14.42 -10.21
C HIS A 208 14.62 14.56 -9.65
N LEU A 209 13.79 13.58 -9.98
CA LEU A 209 12.42 13.56 -9.52
C LEU A 209 12.32 13.46 -8.00
N LEU A 210 13.10 12.53 -7.43
CA LEU A 210 13.08 12.30 -5.99
C LEU A 210 13.77 13.38 -5.17
N SER A 211 14.75 14.04 -5.76
CA SER A 211 15.45 15.08 -5.02
C SER A 211 14.54 16.31 -4.91
N LYS A 212 13.75 16.56 -5.95
CA LYS A 212 12.84 17.69 -5.91
C LYS A 212 11.72 17.42 -4.91
N VAL A 213 11.35 16.15 -4.77
CA VAL A 213 10.30 15.79 -3.84
C VAL A 213 10.77 15.96 -2.39
N LEU A 214 11.96 15.44 -2.11
CA LEU A 214 12.54 15.53 -0.78
C LEU A 214 12.82 16.99 -0.41
N GLN A 215 13.16 17.80 -1.40
CA GLN A 215 13.44 19.20 -1.19
C GLN A 215 12.14 19.92 -0.77
N GLU A 216 11.04 19.57 -1.42
CA GLU A 216 9.74 20.13 -1.08
C GLU A 216 9.33 19.66 0.31
N ARG A 217 9.69 18.41 0.62
CA ARG A 217 9.36 17.85 1.91
C ARG A 217 10.15 18.61 2.99
N ASP A 218 11.44 18.81 2.73
CA ASP A 218 12.28 19.53 3.69
C ASP A 218 11.85 20.99 3.82
N ALA A 219 11.17 21.51 2.82
CA ALA A 219 10.71 22.90 2.83
C ALA A 219 9.45 23.13 3.67
N LEU A 220 8.76 22.05 4.07
CA LEU A 220 7.54 22.20 4.89
C LEU A 220 7.80 22.85 6.26
N LYS A 221 6.82 23.62 6.73
CA LYS A 221 6.91 24.31 8.01
C LYS A 221 5.60 24.28 8.80
N GLY A 222 5.70 24.40 10.11
CA GLY A 222 4.51 24.40 10.95
C GLY A 222 3.81 23.06 10.97
N THR A 223 4.52 22.04 10.49
CA THR A 223 3.98 20.71 10.45
C THR A 223 5.14 19.73 10.64
N ARG A 224 4.82 18.52 11.10
CA ARG A 224 5.86 17.52 11.30
C ARG A 224 6.22 16.97 9.93
N LYS A 225 7.51 16.92 9.62
CA LYS A 225 7.97 16.43 8.33
C LYS A 225 7.62 14.95 8.12
N PRO A 226 6.84 14.64 7.08
CA PRO A 226 6.45 13.26 6.80
C PRO A 226 7.57 12.48 6.11
N ALA A 227 7.64 11.19 6.37
CA ALA A 227 8.65 10.36 5.71
C ALA A 227 8.26 10.23 4.24
N VAL A 228 9.25 10.00 3.38
CA VAL A 228 9.01 9.86 1.95
C VAL A 228 9.44 8.48 1.47
N LEU A 229 8.50 7.71 0.92
CA LEU A 229 8.84 6.38 0.43
C LEU A 229 8.60 6.31 -1.07
N VAL A 230 9.22 5.34 -1.72
CA VAL A 230 9.06 5.14 -3.16
C VAL A 230 8.42 3.79 -3.39
N LYS A 231 7.34 3.77 -4.16
CA LYS A 231 6.67 2.51 -4.44
C LYS A 231 7.08 2.02 -5.82
N ILE A 232 7.62 0.79 -5.88
CA ILE A 232 8.08 0.20 -7.13
C ILE A 232 7.28 -1.03 -7.58
N ALA A 233 7.37 -1.32 -8.87
CA ALA A 233 6.66 -2.44 -9.45
C ALA A 233 7.48 -3.72 -9.25
N PRO A 234 6.87 -4.86 -9.51
CA PRO A 234 7.62 -6.11 -9.35
C PRO A 234 8.25 -6.44 -10.70
N ASP A 235 8.02 -5.57 -11.68
CA ASP A 235 8.55 -5.77 -13.03
C ASP A 235 9.75 -4.85 -13.28
N LEU A 236 10.91 -5.26 -12.77
CA LEU A 236 12.12 -4.46 -12.91
C LEU A 236 13.29 -5.29 -13.40
N THR A 237 14.14 -4.67 -14.20
CA THR A 237 15.32 -5.38 -14.69
C THR A 237 16.32 -5.37 -13.54
N ALA A 238 17.40 -6.11 -13.71
CA ALA A 238 18.44 -6.21 -12.69
C ALA A 238 19.02 -4.81 -12.47
N GLN A 239 19.14 -4.06 -13.56
CA GLN A 239 19.66 -2.70 -13.51
C GLN A 239 18.70 -1.78 -12.76
N ASP A 240 17.40 -1.93 -13.01
CA ASP A 240 16.37 -1.12 -12.35
C ASP A 240 16.46 -1.24 -10.83
N LYS A 241 16.67 -2.45 -10.33
CA LYS A 241 16.74 -2.65 -8.89
C LYS A 241 17.99 -2.06 -8.27
N GLU A 242 19.10 -2.13 -9.00
CA GLU A 242 20.37 -1.59 -8.51
C GLU A 242 20.26 -0.08 -8.49
N ASP A 243 19.72 0.48 -9.58
CA ASP A 243 19.55 1.92 -9.69
C ASP A 243 18.62 2.47 -8.61
N ILE A 244 17.48 1.81 -8.41
CA ILE A 244 16.55 2.25 -7.39
C ILE A 244 17.21 2.19 -6.01
N ALA A 245 17.88 1.09 -5.72
CA ALA A 245 18.58 0.92 -4.44
C ALA A 245 19.67 1.98 -4.28
N SER A 246 20.39 2.23 -5.36
CA SER A 246 21.47 3.20 -5.39
C SER A 246 20.98 4.62 -5.08
N VAL A 247 19.95 5.06 -5.78
CA VAL A 247 19.39 6.40 -5.58
C VAL A 247 18.76 6.56 -4.20
N ALA A 248 18.05 5.53 -3.75
CA ALA A 248 17.39 5.55 -2.44
C ALA A 248 18.37 5.86 -1.31
N ARG A 249 19.52 5.19 -1.32
CA ARG A 249 20.55 5.40 -0.31
C ARG A 249 21.27 6.71 -0.55
N GLU A 250 21.39 7.08 -1.81
CA GLU A 250 22.05 8.31 -2.18
C GLU A 250 21.27 9.54 -1.70
N LEU A 251 19.95 9.53 -1.92
CA LEU A 251 19.12 10.66 -1.52
C LEU A 251 18.66 10.58 -0.07
N GLY A 252 18.66 9.39 0.51
CA GLY A 252 18.22 9.25 1.88
C GLY A 252 16.73 8.99 1.95
N ILE A 253 16.18 8.36 0.92
CA ILE A 253 14.77 8.02 0.88
C ILE A 253 14.45 7.36 2.22
N ASP A 254 13.30 7.69 2.79
CA ASP A 254 12.93 7.12 4.08
C ASP A 254 12.46 5.66 4.00
N GLY A 255 12.11 5.22 2.80
CA GLY A 255 11.66 3.84 2.66
C GLY A 255 11.17 3.44 1.29
N LEU A 256 10.80 2.17 1.16
CA LEU A 256 10.31 1.64 -0.10
C LEU A 256 9.11 0.75 0.11
N ILE A 257 8.15 0.84 -0.80
CA ILE A 257 6.98 0.00 -0.74
C ILE A 257 7.13 -1.01 -1.87
N VAL A 258 7.27 -2.28 -1.49
CA VAL A 258 7.45 -3.39 -2.44
C VAL A 258 6.32 -4.37 -2.06
N THR A 259 5.44 -4.74 -2.99
CA THR A 259 5.44 -4.34 -4.41
C THR A 259 4.06 -3.85 -4.92
N ASN A 260 4.06 -3.20 -6.10
CA ASN A 260 2.83 -2.72 -6.74
C ASN A 260 2.31 -3.85 -7.67
N THR A 261 1.27 -3.61 -8.46
CA THR A 261 0.76 -4.65 -9.35
C THR A 261 1.74 -5.00 -10.47
N THR A 262 1.55 -6.18 -11.07
CA THR A 262 2.41 -6.70 -12.12
C THR A 262 1.69 -6.84 -13.48
N VAL A 263 2.41 -6.59 -14.56
CA VAL A 263 1.83 -6.70 -15.90
C VAL A 263 1.93 -8.13 -16.42
N SER A 264 2.80 -8.92 -15.82
CA SER A 264 2.95 -10.29 -16.25
C SER A 264 1.79 -11.13 -15.74
N ARG A 265 1.50 -12.21 -16.47
CA ARG A 265 0.41 -13.12 -16.15
C ARG A 265 1.05 -14.49 -15.95
N PRO A 266 1.20 -14.92 -14.68
CA PRO A 266 1.80 -16.22 -14.36
C PRO A 266 1.14 -17.43 -15.02
N VAL A 267 1.97 -18.39 -15.41
CA VAL A 267 1.48 -19.62 -16.00
C VAL A 267 0.64 -20.28 -14.88
N GLY A 268 -0.58 -20.68 -15.19
CA GLY A 268 -1.42 -21.26 -14.17
C GLY A 268 -2.64 -20.42 -13.82
N LEU A 269 -2.75 -19.22 -14.40
CA LEU A 269 -3.93 -18.38 -14.17
C LEU A 269 -5.11 -19.05 -14.86
N GLN A 270 -6.20 -19.24 -14.14
CA GLN A 270 -7.39 -19.89 -14.70
C GLN A 270 -8.49 -18.92 -15.08
N GLY A 271 -8.52 -17.77 -14.40
CA GLY A 271 -9.51 -16.76 -14.68
C GLY A 271 -9.67 -16.49 -16.17
N ALA A 272 -10.91 -16.34 -16.60
CA ALA A 272 -11.21 -16.10 -18.00
C ALA A 272 -10.71 -14.73 -18.45
N LEU A 273 -10.58 -13.79 -17.50
CA LEU A 273 -10.14 -12.44 -17.85
C LEU A 273 -8.66 -12.17 -17.67
N ARG A 274 -7.86 -13.21 -17.53
CA ARG A 274 -6.42 -13.05 -17.35
C ARG A 274 -5.75 -12.32 -18.50
N SER A 275 -6.35 -12.37 -19.68
CA SER A 275 -5.79 -11.73 -20.88
C SER A 275 -6.00 -10.23 -20.88
N GLU A 276 -6.74 -9.74 -19.89
CA GLU A 276 -7.02 -8.31 -19.76
C GLU A 276 -5.79 -7.51 -19.36
N THR A 277 -5.59 -6.36 -20.01
CA THR A 277 -4.46 -5.48 -19.72
C THR A 277 -4.64 -4.76 -18.39
N GLY A 278 -3.52 -4.50 -17.72
CA GLY A 278 -3.56 -3.82 -16.44
C GLY A 278 -2.63 -4.47 -15.45
N GLY A 279 -2.83 -4.14 -14.17
CA GLY A 279 -2.00 -4.71 -13.12
C GLY A 279 -2.71 -5.83 -12.39
N LEU A 280 -1.99 -6.92 -12.19
CA LEU A 280 -2.52 -8.09 -11.49
C LEU A 280 -2.11 -8.02 -10.02
N SER A 281 -3.06 -8.29 -9.14
CA SER A 281 -2.85 -8.28 -7.70
C SER A 281 -3.41 -9.58 -7.14
N GLY A 282 -3.12 -9.88 -5.88
CA GLY A 282 -3.65 -11.09 -5.28
C GLY A 282 -2.63 -12.19 -5.09
N LYS A 283 -3.12 -13.42 -4.86
CA LYS A 283 -2.24 -14.55 -4.63
C LYS A 283 -1.16 -14.81 -5.69
N PRO A 284 -1.50 -14.65 -6.99
CA PRO A 284 -0.49 -14.89 -8.03
C PRO A 284 0.78 -14.05 -7.87
N LEU A 285 0.63 -12.89 -7.25
CA LEU A 285 1.72 -11.93 -7.02
C LEU A 285 2.46 -12.16 -5.69
N ARG A 286 1.93 -13.04 -4.86
CA ARG A 286 2.49 -13.34 -3.54
C ARG A 286 4.02 -13.53 -3.42
N ASP A 287 4.56 -14.54 -4.11
CA ASP A 287 5.99 -14.83 -4.02
C ASP A 287 6.91 -13.91 -4.82
N LEU A 288 6.40 -13.40 -5.95
CA LEU A 288 7.18 -12.48 -6.78
C LEU A 288 7.44 -11.21 -5.95
N SER A 289 6.44 -10.85 -5.16
CA SER A 289 6.48 -9.69 -4.29
C SER A 289 7.50 -9.89 -3.17
N THR A 290 7.49 -11.08 -2.57
CA THR A 290 8.42 -11.39 -1.49
C THR A 290 9.86 -11.48 -2.00
N GLN A 291 10.05 -12.05 -3.19
CA GLN A 291 11.40 -12.17 -3.73
C GLN A 291 11.97 -10.80 -4.04
N THR A 292 11.12 -9.89 -4.49
CA THR A 292 11.57 -8.53 -4.79
C THR A 292 12.00 -7.88 -3.49
N ILE A 293 11.26 -8.15 -2.42
CA ILE A 293 11.56 -7.60 -1.11
C ILE A 293 12.97 -8.04 -0.68
N ARG A 294 13.28 -9.33 -0.84
CA ARG A 294 14.59 -9.85 -0.47
C ARG A 294 15.69 -9.15 -1.25
N GLU A 295 15.50 -9.08 -2.56
CA GLU A 295 16.48 -8.45 -3.44
C GLU A 295 16.74 -6.98 -3.11
N MET A 296 15.68 -6.21 -2.92
CA MET A 296 15.81 -4.79 -2.58
C MET A 296 16.44 -4.62 -1.20
N TYR A 297 16.12 -5.52 -0.28
CA TYR A 297 16.66 -5.47 1.07
C TYR A 297 18.16 -5.70 1.06
N ALA A 298 18.62 -6.61 0.21
CA ALA A 298 20.04 -6.93 0.10
C ALA A 298 20.77 -5.79 -0.63
N LEU A 299 20.13 -5.22 -1.64
CA LEU A 299 20.77 -4.16 -2.39
C LEU A 299 20.94 -2.87 -1.56
N THR A 300 20.09 -2.70 -0.56
CA THR A 300 20.15 -1.52 0.31
C THR A 300 20.78 -1.88 1.66
N GLN A 301 21.36 -3.08 1.72
CA GLN A 301 22.02 -3.55 2.93
C GLN A 301 21.14 -3.47 4.18
N GLY A 302 19.84 -3.61 3.99
CA GLY A 302 18.89 -3.54 5.09
C GLY A 302 18.87 -2.18 5.77
N ARG A 303 19.21 -1.15 5.02
CA ARG A 303 19.26 0.21 5.54
C ARG A 303 18.04 1.05 5.21
N ILE A 304 17.16 0.52 4.36
CA ILE A 304 15.96 1.25 3.97
C ILE A 304 14.72 0.47 4.37
N PRO A 305 13.96 1.01 5.34
CA PRO A 305 12.74 0.35 5.79
C PRO A 305 11.91 -0.01 4.58
N ILE A 306 11.31 -1.19 4.61
CA ILE A 306 10.49 -1.64 3.51
C ILE A 306 9.09 -2.06 3.93
N ILE A 307 8.10 -1.61 3.18
CA ILE A 307 6.71 -1.98 3.44
C ILE A 307 6.39 -3.04 2.39
N GLY A 308 6.23 -4.28 2.86
CA GLY A 308 5.94 -5.38 1.96
C GLY A 308 4.48 -5.58 1.64
N VAL A 309 4.18 -5.64 0.35
CA VAL A 309 2.81 -5.81 -0.11
C VAL A 309 2.75 -6.63 -1.40
N GLY A 310 1.73 -7.48 -1.52
CA GLY A 310 1.57 -8.32 -2.70
C GLY A 310 1.09 -9.71 -2.36
N GLY A 311 -0.21 -9.95 -2.44
CA GLY A 311 -0.76 -11.26 -2.15
C GLY A 311 -0.78 -11.70 -0.69
N VAL A 312 -0.82 -10.76 0.25
CA VAL A 312 -0.89 -11.15 1.64
C VAL A 312 -2.32 -11.58 1.98
N SER A 313 -2.47 -12.81 2.45
CA SER A 313 -3.79 -13.35 2.77
C SER A 313 -3.81 -14.12 4.09
N SER A 314 -2.68 -14.11 4.80
CA SER A 314 -2.59 -14.82 6.08
C SER A 314 -1.40 -14.30 6.88
N GLY A 315 -1.36 -14.66 8.16
CA GLY A 315 -0.25 -14.25 9.01
C GLY A 315 1.06 -14.80 8.48
N GLN A 316 1.01 -16.00 7.90
CA GLN A 316 2.19 -16.62 7.37
C GLN A 316 2.74 -15.88 6.15
N ASP A 317 1.85 -15.43 5.26
CA ASP A 317 2.28 -14.68 4.09
C ASP A 317 2.93 -13.40 4.62
N ALA A 318 2.36 -12.87 5.70
CA ALA A 318 2.88 -11.66 6.31
C ALA A 318 4.27 -11.90 6.91
N LEU A 319 4.45 -13.04 7.56
CA LEU A 319 5.74 -13.36 8.18
C LEU A 319 6.82 -13.59 7.11
N GLU A 320 6.43 -14.16 5.98
CA GLU A 320 7.39 -14.39 4.91
C GLU A 320 7.88 -13.04 4.37
N LYS A 321 6.99 -12.05 4.31
CA LYS A 321 7.37 -10.72 3.82
C LYS A 321 8.28 -10.01 4.82
N ILE A 322 7.97 -10.15 6.09
CA ILE A 322 8.76 -9.53 7.13
C ILE A 322 10.16 -10.15 7.21
N GLN A 323 10.24 -11.47 7.08
CA GLN A 323 11.55 -12.12 7.14
C GLN A 323 12.39 -11.81 5.91
N ALA A 324 11.70 -11.55 4.79
CA ALA A 324 12.39 -11.21 3.55
C ALA A 324 12.98 -9.82 3.69
N GLY A 325 12.52 -9.07 4.69
CA GLY A 325 13.05 -7.73 4.90
C GLY A 325 12.05 -6.62 5.17
N ALA A 326 10.76 -6.94 5.21
CA ALA A 326 9.74 -5.91 5.45
C ALA A 326 9.53 -5.58 6.92
N SER A 327 9.30 -4.29 7.21
CA SER A 327 9.05 -3.81 8.58
C SER A 327 7.54 -3.68 8.78
N LEU A 328 6.82 -3.54 7.66
CA LEU A 328 5.38 -3.42 7.66
C LEU A 328 4.88 -4.14 6.42
N VAL A 329 3.60 -4.49 6.42
CA VAL A 329 3.00 -5.13 5.26
C VAL A 329 1.68 -4.43 5.01
N GLN A 330 1.14 -4.67 3.83
CA GLN A 330 -0.13 -4.08 3.43
C GLN A 330 -0.87 -5.12 2.60
N LEU A 331 -2.18 -4.99 2.54
CA LEU A 331 -2.99 -5.91 1.78
C LEU A 331 -4.17 -5.16 1.18
N TYR A 332 -4.76 -5.75 0.15
CA TYR A 332 -5.88 -5.17 -0.53
C TYR A 332 -6.74 -6.27 -1.17
N THR A 333 -6.19 -7.01 -2.11
CA THR A 333 -6.95 -8.06 -2.78
C THR A 333 -7.54 -9.11 -1.84
N ALA A 334 -6.81 -9.43 -0.78
CA ALA A 334 -7.30 -10.43 0.17
C ALA A 334 -8.64 -9.96 0.74
N LEU A 335 -8.72 -8.67 1.02
CA LEU A 335 -9.93 -8.07 1.57
C LEU A 335 -11.10 -8.19 0.61
N ILE A 336 -10.80 -8.09 -0.68
CA ILE A 336 -11.80 -8.18 -1.72
C ILE A 336 -12.52 -9.53 -1.72
N PHE A 337 -11.80 -10.61 -1.46
CA PHE A 337 -12.39 -11.95 -1.46
C PHE A 337 -12.77 -12.49 -0.09
N LEU A 338 -11.99 -12.13 0.93
CA LEU A 338 -12.23 -12.62 2.29
C LEU A 338 -12.97 -11.63 3.18
N GLY A 339 -12.95 -10.35 2.82
CA GLY A 339 -13.63 -9.35 3.62
C GLY A 339 -12.89 -8.94 4.88
N PRO A 340 -13.53 -8.12 5.73
CA PRO A 340 -13.00 -7.61 7.00
C PRO A 340 -12.30 -8.63 7.90
N PRO A 341 -12.90 -9.81 8.10
CA PRO A 341 -12.29 -10.84 8.95
C PRO A 341 -10.82 -11.15 8.64
N VAL A 342 -10.41 -10.94 7.39
CA VAL A 342 -9.04 -11.24 6.97
C VAL A 342 -7.99 -10.42 7.73
N VAL A 343 -8.35 -9.19 8.09
CA VAL A 343 -7.43 -8.32 8.81
C VAL A 343 -7.16 -8.88 10.18
N VAL A 344 -8.22 -9.33 10.84
CA VAL A 344 -8.13 -9.90 12.19
C VAL A 344 -7.35 -11.21 12.16
N ARG A 345 -7.66 -12.03 11.16
CA ARG A 345 -6.99 -13.31 11.03
C ARG A 345 -5.49 -13.17 10.77
N VAL A 346 -5.09 -12.24 9.90
CA VAL A 346 -3.68 -12.08 9.60
C VAL A 346 -2.89 -11.67 10.84
N LYS A 347 -3.41 -10.68 11.57
CA LYS A 347 -2.75 -10.20 12.77
C LYS A 347 -2.65 -11.31 13.82
N ARG A 348 -3.74 -12.05 14.01
CA ARG A 348 -3.78 -13.14 14.98
C ARG A 348 -2.76 -14.21 14.62
N GLU A 349 -2.73 -14.59 13.35
CA GLU A 349 -1.80 -15.61 12.90
C GLU A 349 -0.36 -15.13 12.98
N LEU A 350 -0.12 -13.90 12.56
CA LEU A 350 1.23 -13.37 12.63
C LEU A 350 1.76 -13.47 14.06
N GLU A 351 0.92 -13.08 15.03
CA GLU A 351 1.35 -13.14 16.42
C GLU A 351 1.66 -14.56 16.86
N ALA A 352 0.77 -15.49 16.54
CA ALA A 352 0.97 -16.89 16.90
C ALA A 352 2.25 -17.45 16.25
N LEU A 353 2.46 -17.14 14.98
CA LEU A 353 3.63 -17.63 14.27
C LEU A 353 4.95 -17.06 14.80
N LEU A 354 4.96 -15.76 15.10
CA LEU A 354 6.15 -15.12 15.64
C LEU A 354 6.59 -15.84 16.90
N LYS A 355 5.63 -16.16 17.77
CA LYS A 355 5.91 -16.87 19.01
C LYS A 355 6.55 -18.21 18.68
N GLU A 356 5.81 -19.00 17.90
CA GLU A 356 6.23 -20.31 17.50
C GLU A 356 7.61 -20.35 16.83
N ARG A 357 7.98 -19.27 16.16
CA ARG A 357 9.29 -19.23 15.50
C ARG A 357 10.36 -18.50 16.29
N GLY A 358 10.10 -18.26 17.56
CA GLY A 358 11.09 -17.61 18.41
C GLY A 358 11.25 -16.10 18.46
N PHE A 359 10.41 -15.36 17.76
CA PHE A 359 10.53 -13.90 17.79
C PHE A 359 9.68 -13.30 18.91
N THR A 360 10.30 -12.56 19.83
CA THR A 360 9.56 -11.96 20.93
C THR A 360 8.72 -10.76 20.45
N THR A 361 9.11 -10.18 19.32
CA THR A 361 8.37 -9.06 18.73
C THR A 361 8.50 -9.15 17.22
N VAL A 362 7.65 -8.40 16.51
CA VAL A 362 7.67 -8.38 15.05
C VAL A 362 9.03 -7.90 14.56
N THR A 363 9.56 -6.89 15.23
CA THR A 363 10.85 -6.30 14.87
C THR A 363 11.98 -7.32 14.76
N ASP A 364 11.99 -8.31 15.64
CA ASP A 364 13.02 -9.35 15.63
C ASP A 364 13.04 -10.19 14.36
N ALA A 365 11.89 -10.32 13.69
CA ALA A 365 11.82 -11.13 12.48
C ALA A 365 12.17 -10.41 11.18
N ILE A 366 12.26 -9.08 11.23
CA ILE A 366 12.58 -8.32 10.03
C ILE A 366 13.96 -8.66 9.47
N GLY A 367 13.99 -9.14 8.23
CA GLY A 367 15.24 -9.50 7.59
C GLY A 367 15.86 -10.81 8.06
N ALA A 368 15.13 -11.60 8.83
CA ALA A 368 15.65 -12.87 9.34
C ALA A 368 16.22 -13.78 8.24
N ASP A 369 15.66 -13.73 7.03
CA ASP A 369 16.16 -14.55 5.93
C ASP A 369 17.61 -14.25 5.57
N HIS A 370 17.94 -12.97 5.52
CA HIS A 370 19.28 -12.53 5.15
C HIS A 370 20.31 -12.76 6.23
N ARG A 371 19.85 -12.99 7.45
CA ARG A 371 20.75 -13.18 8.57
C ARG A 371 21.09 -14.63 8.82
N ARG A 372 21.85 -15.23 7.91
CA ARG A 372 22.25 -16.62 8.07
C ARG A 372 23.58 -16.88 7.37
C1 BRF B . -16.87 -7.55 -3.35
C2 BRF B . -15.78 -6.50 -3.61
C3 BRF B . -15.39 -5.52 -2.60
C4 BRF B . -15.10 -6.43 -4.91
N1 BRF B . -14.39 -4.57 -2.90
C5 BRF B . -15.46 -7.43 -6.00
C23 BRF B . -15.89 -5.35 -1.19
C6 BRF B . -14.05 -5.43 -5.16
C7 BRF B . -13.73 -4.50 -4.09
C8 BRF B . -17.32 -5.12 -0.90
C9 BRF B . -14.93 -5.41 -0.11
O1 BRF B . -15.15 -8.58 -6.00
O2 BRF B . -16.20 -6.93 -7.01
C10 BRF B . -13.31 -5.30 -6.40
C11 BRF B . -12.72 -3.48 -4.26
C12 BRF B . -17.69 -4.97 0.47
C13 BRF B . -15.32 -5.25 1.25
C14 BRF B . -12.31 -4.31 -6.58
C15 BRF B . -12.00 -3.38 -5.51
C16 BRF B . -16.74 -5.03 1.56
F1 BRF B . -11.71 -4.25 -7.65
C17 BRF B . -17.19 -4.86 3.02
C18 BRF B . -18.25 -5.65 3.64
C19 BRF B . -16.52 -3.84 3.83
C20 BRF B . -18.60 -5.42 5.01
C21 BRF B . -17.92 -4.42 5.79
C22 BRF B . -16.88 -3.63 5.19
F2 BRF B . -18.83 -6.50 3.02
N1 FMN C . -1.35 1.19 -5.83
C2 FMN C . -1.00 2.51 -5.77
O2 FMN C . 0.09 2.93 -5.44
N3 FMN C . -1.98 3.48 -6.14
C4 FMN C . -3.25 3.16 -6.54
O4 FMN C . -4.05 4.06 -6.84
C4A FMN C . -3.61 1.74 -6.59
N5 FMN C . -4.84 1.36 -6.98
C5A FMN C . -5.16 0.02 -7.00
C6 FMN C . -6.49 -0.46 -7.40
C7 FMN C . -6.86 -1.78 -7.42
C7M FMN C . -8.27 -2.26 -7.81
C8 FMN C . -5.86 -2.80 -7.03
C8M FMN C . -6.14 -4.27 -7.00
C9 FMN C . -4.59 -2.36 -6.65
C9A FMN C . -4.19 -1.01 -6.64
N10 FMN C . -2.89 -0.56 -6.23
C10 FMN C . -2.54 0.78 -6.21
C1' FMN C . -1.89 -1.60 -5.87
C2' FMN C . -1.91 -2.02 -4.41
O2' FMN C . -1.54 -0.92 -3.57
C3' FMN C . -0.90 -3.14 -4.11
O3' FMN C . 0.44 -2.66 -4.44
C4' FMN C . -1.13 -4.44 -4.91
O4' FMN C . -2.54 -4.67 -5.18
C5' FMN C . -0.57 -5.67 -4.26
O5' FMN C . -1.27 -6.02 -3.05
P FMN C . -2.48 -7.08 -2.95
O1P FMN C . -2.64 -7.34 -1.49
O2P FMN C . -3.70 -6.34 -3.53
O3P FMN C . -2.07 -8.28 -3.79
N1 ORO D . -3.51 0.67 -10.52
C2 ORO D . -2.57 -0.13 -9.87
O2 ORO D . -2.69 -1.35 -9.78
N3 ORO D . -1.49 0.54 -9.31
C4 ORO D . -1.25 1.92 -9.35
O4 ORO D . -0.26 2.41 -8.82
C5 ORO D . -2.26 2.71 -10.05
C6 ORO D . -3.33 2.06 -10.60
C7 ORO D . -4.42 2.82 -11.34
O71 ORO D . -5.05 3.72 -10.83
O72 ORO D . -4.49 2.36 -12.50
NI NI E . 2.79 16.00 8.63
NA NA F . 19.07 -13.00 -1.72
#